data_1JJ4
#
_entry.id   1JJ4
#
_cell.length_a   69.880
_cell.length_b   82.190
_cell.length_c   96.070
_cell.angle_alpha   90.00
_cell.angle_beta   90.00
_cell.angle_gamma   90.00
#
_symmetry.space_group_name_H-M   'C 2 2 21'
#
loop_
_entity.id
_entity.type
_entity.pdbx_description
1 polymer 'E2 binding site DNA'
2 polymer 'Regulatory protein E2'
3 water water
#
loop_
_entity_poly.entity_id
_entity_poly.type
_entity_poly.pdbx_seq_one_letter_code
_entity_poly.pdbx_strand_id
1 'polydeoxyribonucleotide' (DC)(DA)(DA)(DC)(DC)(DG)(DA)(DA)(DT)(DT)(DC)(DG)(DG)(DT)(DT)(DG) C,D
2 'polypeptide(L)'
;GSHMTPIIHLKGDRNSLKCLRYRLRKHSDHYRDISSTWHWTGAGNEKTGILTVTYHSETQRTKFLNTVAIPDSVQILVGY
MTM
;
A,B
#
loop_
_chem_comp.id
_chem_comp.type
_chem_comp.name
_chem_comp.formula
DA DNA linking 2'-DEOXYADENOSINE-5'-MONOPHOSPHATE 'C10 H14 N5 O6 P'
DC DNA linking 2'-DEOXYCYTIDINE-5'-MONOPHOSPHATE 'C9 H14 N3 O7 P'
DG DNA linking 2'-DEOXYGUANOSINE-5'-MONOPHOSPHATE 'C10 H14 N5 O7 P'
DT DNA linking THYMIDINE-5'-MONOPHOSPHATE 'C10 H15 N2 O8 P'
#
# COMPACT_ATOMS: atom_id res chain seq x y z
N MET C 4 7.68 -1.50 -12.60
CA MET C 4 6.95 -1.01 -11.38
C MET C 4 7.76 0.12 -10.76
N THR C 5 7.14 0.86 -9.85
CA THR C 5 7.83 1.96 -9.21
C THR C 5 8.63 1.50 -7.98
N PRO C 6 9.87 1.99 -7.86
CA PRO C 6 10.70 1.61 -6.71
C PRO C 6 10.10 2.15 -5.42
N ILE C 7 9.99 1.28 -4.41
CA ILE C 7 9.42 1.67 -3.13
C ILE C 7 10.10 0.99 -1.94
N ILE C 8 9.58 1.31 -0.75
CA ILE C 8 10.06 0.69 0.48
C ILE C 8 8.86 0.65 1.41
N HIS C 9 8.76 -0.42 2.18
CA HIS C 9 7.70 -0.56 3.16
C HIS C 9 8.39 -0.45 4.49
N LEU C 10 7.86 0.40 5.35
CA LEU C 10 8.41 0.61 6.67
C LEU C 10 7.40 0.05 7.65
N LYS C 11 7.75 -1.05 8.30
CA LYS C 11 6.88 -1.70 9.26
C LYS C 11 7.29 -1.38 10.70
N GLY C 12 6.29 -1.23 11.56
CA GLY C 12 6.55 -0.93 12.96
C GLY C 12 5.34 -0.39 13.67
N ASP C 13 5.54 0.11 14.89
CA ASP C 13 4.43 0.68 15.66
C ASP C 13 3.77 1.73 14.81
N ARG C 14 2.44 1.71 14.78
CA ARG C 14 1.71 2.66 13.96
C ARG C 14 1.91 4.14 14.31
N ASN C 15 1.96 4.47 15.61
CA ASN C 15 2.17 5.85 16.03
C ASN C 15 3.62 6.21 15.76
N SER C 16 4.48 5.21 15.89
CA SER C 16 5.91 5.35 15.65
C SER C 16 6.16 5.70 14.19
N LEU C 17 5.40 5.07 13.31
CA LEU C 17 5.51 5.31 11.88
C LEU C 17 4.99 6.71 11.54
N LYS C 18 3.85 7.07 12.10
CA LYS C 18 3.24 8.37 11.86
C LYS C 18 4.27 9.48 12.15
N CYS C 19 4.89 9.38 13.31
CA CYS C 19 5.88 10.37 13.72
C CYS C 19 7.09 10.34 12.81
N LEU C 20 7.41 9.16 12.29
CA LEU C 20 8.54 8.99 11.38
C LEU C 20 8.25 9.73 10.07
N ARG C 21 7.04 9.57 9.54
CA ARG C 21 6.66 10.23 8.29
C ARG C 21 6.78 11.74 8.46
N TYR C 22 6.35 12.21 9.63
CA TYR C 22 6.41 13.62 9.96
C TYR C 22 7.84 14.10 9.73
N ARG C 23 8.78 13.31 10.25
CA ARG C 23 10.20 13.60 10.14
C ARG C 23 10.71 13.44 8.73
N LEU C 24 10.31 12.36 8.07
CA LEU C 24 10.73 12.11 6.69
C LEU C 24 10.43 13.32 5.80
N ARG C 25 9.40 14.08 6.16
CA ARG C 25 9.00 15.27 5.41
C ARG C 25 10.05 16.40 5.51
N LYS C 26 11.03 16.23 6.39
CA LYS C 26 12.07 17.24 6.53
C LYS C 26 13.13 17.11 5.45
N HIS C 27 13.16 15.94 4.81
CA HIS C 27 14.11 15.69 3.74
C HIS C 27 13.38 15.04 2.58
N SER C 28 12.22 15.61 2.25
CA SER C 28 11.37 15.10 1.17
C SER C 28 11.98 15.28 -0.21
N ASP C 29 13.24 15.69 -0.26
CA ASP C 29 13.91 15.88 -1.52
C ASP C 29 14.47 14.58 -2.04
N HIS C 30 14.28 13.51 -1.28
CA HIS C 30 14.80 12.21 -1.68
C HIS C 30 13.78 11.09 -1.74
N TYR C 31 12.54 11.44 -2.04
CA TYR C 31 11.46 10.45 -2.17
C TYR C 31 10.31 11.08 -2.94
N ARG C 32 9.49 10.25 -3.56
CA ARG C 32 8.35 10.73 -4.34
C ARG C 32 7.17 11.05 -3.45
N ASP C 33 6.60 10.01 -2.84
CA ASP C 33 5.45 10.20 -1.96
C ASP C 33 5.45 9.18 -0.81
N ILE C 34 4.84 9.57 0.31
CA ILE C 34 4.74 8.70 1.47
C ILE C 34 3.27 8.48 1.81
N SER C 35 2.93 7.24 2.13
CA SER C 35 1.54 6.90 2.44
C SER C 35 1.15 7.17 3.88
N SER C 36 -0.15 7.05 4.14
CA SER C 36 -0.65 7.22 5.49
C SER C 36 -0.25 5.92 6.17
N THR C 37 -0.47 5.83 7.47
CA THR C 37 -0.13 4.63 8.22
C THR C 37 -1.21 3.57 8.05
N TRP C 38 -0.92 2.54 7.26
CA TRP C 38 -1.91 1.49 7.02
C TRP C 38 -1.48 0.12 7.54
N HIS C 39 -2.32 -0.88 7.28
CA HIS C 39 -2.05 -2.25 7.72
C HIS C 39 -2.94 -3.23 6.97
N TRP C 40 -2.59 -4.52 7.03
CA TRP C 40 -3.37 -5.56 6.38
C TRP C 40 -4.44 -5.98 7.39
N THR C 41 -5.64 -6.27 6.91
CA THR C 41 -6.75 -6.65 7.79
C THR C 41 -6.82 -8.15 8.03
N LYS C 47 -1.42 -5.30 14.89
CA LYS C 47 -0.69 -4.53 15.96
C LYS C 47 0.40 -3.66 15.34
N THR C 48 0.95 -4.09 14.21
CA THR C 48 2.00 -3.33 13.54
C THR C 48 1.41 -2.51 12.39
N GLY C 49 2.16 -1.51 11.94
CA GLY C 49 1.69 -0.67 10.86
C GLY C 49 2.62 -0.66 9.67
N ILE C 50 2.20 0.02 8.60
CA ILE C 50 2.99 0.10 7.38
C ILE C 50 2.96 1.47 6.71
N LEU C 51 4.14 1.90 6.26
CA LEU C 51 4.27 3.15 5.53
C LEU C 51 4.90 2.77 4.19
N THR C 52 4.30 3.25 3.10
CA THR C 52 4.84 2.94 1.79
C THR C 52 5.46 4.21 1.20
N VAL C 53 6.74 4.11 0.86
CA VAL C 53 7.48 5.22 0.29
C VAL C 53 7.92 4.90 -1.14
N THR C 54 7.44 5.72 -2.07
CA THR C 54 7.76 5.54 -3.48
C THR C 54 8.92 6.46 -3.85
N TYR C 55 9.59 6.15 -4.96
CA TYR C 55 10.71 6.95 -5.40
C TYR C 55 10.71 7.28 -6.89
N HIS C 56 11.26 8.45 -7.18
CA HIS C 56 11.38 8.90 -8.55
C HIS C 56 12.30 7.96 -9.30
N SER C 57 13.30 7.41 -8.60
CA SER C 57 14.25 6.52 -9.24
C SER C 57 14.89 5.53 -8.29
N GLU C 58 15.64 4.60 -8.86
CA GLU C 58 16.33 3.57 -8.10
C GLU C 58 17.41 4.22 -7.25
N THR C 59 18.15 5.14 -7.87
CA THR C 59 19.23 5.83 -7.17
C THR C 59 18.68 6.73 -6.07
N GLN C 60 17.51 7.33 -6.31
CA GLN C 60 16.93 8.22 -5.30
C GLN C 60 16.66 7.42 -4.04
N ARG C 61 16.11 6.22 -4.19
CA ARG C 61 15.83 5.37 -3.05
C ARG C 61 17.11 5.09 -2.26
N THR C 62 18.19 4.80 -2.98
CA THR C 62 19.45 4.52 -2.32
C THR C 62 19.95 5.70 -1.52
N LYS C 63 19.88 6.90 -2.10
CA LYS C 63 20.32 8.11 -1.41
C LYS C 63 19.45 8.35 -0.18
N PHE C 64 18.19 7.91 -0.24
CA PHE C 64 17.26 8.06 0.87
C PHE C 64 17.73 7.17 2.00
N LEU C 65 17.88 5.88 1.71
CA LEU C 65 18.31 4.90 2.70
C LEU C 65 19.62 5.24 3.38
N ASN C 66 20.49 5.98 2.68
CA ASN C 66 21.79 6.34 3.24
C ASN C 66 21.87 7.78 3.74
N THR C 67 20.70 8.41 3.93
CA THR C 67 20.65 9.79 4.39
C THR C 67 19.61 9.95 5.51
N VAL C 68 18.46 9.33 5.32
CA VAL C 68 17.37 9.39 6.29
C VAL C 68 17.60 8.48 7.50
N ALA C 69 17.09 8.88 8.65
CA ALA C 69 17.23 8.08 9.86
C ALA C 69 15.99 7.24 10.12
N ILE C 70 16.14 5.92 10.07
CA ILE C 70 15.03 5.00 10.31
C ILE C 70 15.23 4.28 11.64
N PRO C 71 14.28 4.45 12.59
CA PRO C 71 14.32 3.83 13.92
C PRO C 71 14.57 2.33 13.88
N ASP C 72 15.49 1.85 14.71
CA ASP C 72 15.80 0.41 14.73
C ASP C 72 14.55 -0.43 14.96
N SER C 73 13.49 0.22 15.45
CA SER C 73 12.23 -0.46 15.72
C SER C 73 11.35 -0.54 14.48
N VAL C 74 11.87 -0.03 13.35
CA VAL C 74 11.12 -0.01 12.10
C VAL C 74 11.82 -0.80 11.02
N GLN C 75 11.24 -1.93 10.64
CA GLN C 75 11.84 -2.76 9.61
C GLN C 75 11.73 -2.06 8.28
N ILE C 76 12.78 -2.15 7.47
CA ILE C 76 12.80 -1.51 6.16
C ILE C 76 12.73 -2.58 5.08
N LEU C 77 11.78 -2.46 4.16
CA LEU C 77 11.67 -3.45 3.11
C LEU C 77 11.66 -2.82 1.74
N VAL C 78 12.65 -3.19 0.93
CA VAL C 78 12.78 -2.67 -0.43
C VAL C 78 11.94 -3.51 -1.39
N GLY C 79 11.36 -2.85 -2.39
CA GLY C 79 10.54 -3.56 -3.35
C GLY C 79 9.91 -2.66 -4.40
N TYR C 80 8.98 -3.21 -5.17
CA TYR C 80 8.29 -2.47 -6.22
C TYR C 80 6.79 -2.65 -6.07
N MET C 81 6.00 -1.81 -6.74
CA MET C 81 4.55 -1.86 -6.62
C MET C 81 3.77 -1.32 -7.82
N THR C 82 2.48 -1.71 -7.88
CA THR C 82 1.52 -1.33 -8.91
C THR C 82 1.76 -1.90 -10.31
N HIS D 3 8.86 -13.45 -5.73
CA HIS D 3 8.25 -12.42 -4.85
C HIS D 3 7.53 -11.35 -5.66
N MET D 4 6.80 -11.79 -6.68
CA MET D 4 6.05 -10.91 -7.56
C MET D 4 4.57 -11.18 -7.29
N THR D 5 3.98 -10.47 -6.34
CA THR D 5 2.58 -10.71 -5.99
C THR D 5 1.54 -10.00 -6.86
N PRO D 6 0.56 -10.76 -7.35
CA PRO D 6 -0.48 -10.16 -8.17
C PRO D 6 -1.42 -9.37 -7.26
N ILE D 7 -1.74 -8.14 -7.65
CA ILE D 7 -2.61 -7.30 -6.84
C ILE D 7 -3.52 -6.42 -7.69
N ILE D 8 -4.33 -5.61 -7.01
CA ILE D 8 -5.19 -4.63 -7.65
C ILE D 8 -5.37 -3.51 -6.65
N HIS D 9 -5.62 -2.32 -7.16
CA HIS D 9 -5.84 -1.17 -6.31
C HIS D 9 -7.23 -0.64 -6.58
N LEU D 10 -8.02 -0.52 -5.52
CA LEU D 10 -9.38 -0.01 -5.60
C LEU D 10 -9.30 1.40 -5.07
N LYS D 11 -9.71 2.36 -5.87
CA LYS D 11 -9.68 3.77 -5.47
C LYS D 11 -11.03 4.43 -5.53
N GLY D 12 -11.32 5.21 -4.50
CA GLY D 12 -12.59 5.91 -4.43
C GLY D 12 -12.82 6.44 -3.03
N ASP D 13 -14.06 6.83 -2.75
CA ASP D 13 -14.42 7.35 -1.45
C ASP D 13 -13.95 6.42 -0.33
N ARG D 14 -13.26 7.00 0.66
CA ARG D 14 -12.73 6.26 1.79
C ARG D 14 -13.75 5.42 2.55
N ASN D 15 -14.92 5.98 2.82
CA ASN D 15 -15.95 5.25 3.55
C ASN D 15 -16.53 4.18 2.63
N SER D 16 -16.59 4.49 1.34
CA SER D 16 -17.11 3.57 0.33
C SER D 16 -16.21 2.35 0.21
N LEU D 17 -14.89 2.58 0.19
CA LEU D 17 -13.92 1.50 0.09
C LEU D 17 -13.94 0.63 1.33
N LYS D 18 -14.16 1.26 2.48
CA LYS D 18 -14.21 0.54 3.76
C LYS D 18 -15.41 -0.39 3.79
N CYS D 19 -16.55 0.11 3.35
CA CYS D 19 -17.76 -0.68 3.32
C CYS D 19 -17.65 -1.78 2.27
N LEU D 20 -16.93 -1.50 1.19
CA LEU D 20 -16.71 -2.50 0.16
C LEU D 20 -15.82 -3.62 0.75
N ARG D 21 -14.75 -3.23 1.44
CA ARG D 21 -13.86 -4.23 2.04
C ARG D 21 -14.71 -5.19 2.86
N TYR D 22 -15.57 -4.63 3.69
CA TYR D 22 -16.46 -5.42 4.54
C TYR D 22 -17.13 -6.48 3.67
N ARG D 23 -17.54 -6.10 2.46
CA ARG D 23 -18.20 -7.03 1.55
C ARG D 23 -17.24 -8.02 0.92
N LEU D 24 -16.06 -7.56 0.53
CA LEU D 24 -15.08 -8.44 -0.07
C LEU D 24 -14.66 -9.52 0.92
N ARG D 25 -14.67 -9.15 2.21
CA ARG D 25 -14.26 -10.07 3.27
C ARG D 25 -15.31 -11.09 3.68
N LYS D 26 -16.46 -11.08 3.01
CA LYS D 26 -17.53 -12.04 3.32
C LYS D 26 -17.24 -13.35 2.64
N HIS D 27 -16.37 -13.28 1.62
CA HIS D 27 -15.94 -14.43 0.84
C HIS D 27 -14.43 -14.23 0.63
N SER D 28 -13.69 -14.31 1.74
CA SER D 28 -12.24 -14.12 1.71
C SER D 28 -11.41 -15.17 0.98
N ASP D 29 -12.07 -16.11 0.33
CA ASP D 29 -11.39 -17.17 -0.42
C ASP D 29 -10.99 -16.68 -1.81
N HIS D 30 -11.54 -15.55 -2.23
CA HIS D 30 -11.25 -14.97 -3.54
C HIS D 30 -10.10 -13.97 -3.55
N TYR D 31 -9.23 -14.03 -2.54
CA TYR D 31 -8.08 -13.13 -2.42
C TYR D 31 -7.25 -13.51 -1.20
N ARG D 32 -5.99 -13.07 -1.17
CA ARG D 32 -5.12 -13.38 -0.03
C ARG D 32 -5.41 -12.46 1.15
N ASP D 33 -5.38 -11.15 0.90
CA ASP D 33 -5.63 -10.19 1.97
C ASP D 33 -5.96 -8.79 1.44
N ILE D 34 -6.69 -8.02 2.24
CA ILE D 34 -7.07 -6.65 1.88
C ILE D 34 -6.53 -5.66 2.91
N SER D 35 -6.04 -4.53 2.43
CA SER D 35 -5.49 -3.50 3.30
C SER D 35 -6.57 -2.64 3.92
N SER D 36 -6.15 -1.90 4.93
CA SER D 36 -7.03 -0.95 5.59
C SER D 36 -7.20 0.13 4.53
N THR D 37 -8.12 1.05 4.73
CA THR D 37 -8.32 2.09 3.75
C THR D 37 -7.24 3.16 3.93
N TRP D 38 -6.29 3.22 3.00
CA TRP D 38 -5.20 4.17 3.10
C TRP D 38 -5.21 5.21 1.97
N HIS D 39 -4.22 6.09 2.00
CA HIS D 39 -4.10 7.15 0.99
C HIS D 39 -2.71 7.74 1.02
N TRP D 40 -2.38 8.49 -0.04
CA TRP D 40 -1.07 9.14 -0.10
C TRP D 40 -1.17 10.50 0.60
N THR D 41 -0.03 10.96 1.12
CA THR D 41 0.02 12.22 1.82
C THR D 41 0.64 13.32 0.95
N GLU D 46 -6.06 13.61 -3.83
CA GLU D 46 -5.70 12.75 -2.66
C GLU D 46 -6.88 12.58 -1.68
N LYS D 47 -7.96 13.33 -1.91
CA LYS D 47 -9.14 13.24 -1.06
C LYS D 47 -9.71 11.81 -1.11
N THR D 48 -9.29 11.07 -2.13
CA THR D 48 -9.72 9.69 -2.34
C THR D 48 -8.89 8.70 -1.51
N GLY D 49 -9.43 7.50 -1.33
CA GLY D 49 -8.72 6.49 -0.55
C GLY D 49 -8.23 5.37 -1.43
N ILE D 50 -7.57 4.39 -0.83
CA ILE D 50 -7.05 3.26 -1.58
C ILE D 50 -7.16 1.97 -0.79
N LEU D 51 -7.59 0.92 -1.48
CA LEU D 51 -7.73 -0.40 -0.90
C LEU D 51 -6.76 -1.25 -1.71
N THR D 52 -5.87 -1.95 -1.02
CA THR D 52 -4.92 -2.82 -1.72
C THR D 52 -5.35 -4.27 -1.52
N VAL D 53 -5.41 -5.01 -2.61
CA VAL D 53 -5.79 -6.43 -2.55
C VAL D 53 -4.74 -7.28 -3.26
N THR D 54 -4.21 -8.26 -2.53
CA THR D 54 -3.20 -9.16 -3.05
C THR D 54 -3.84 -10.51 -3.38
N TYR D 55 -3.16 -11.31 -4.19
CA TYR D 55 -3.71 -12.61 -4.57
C TYR D 55 -2.63 -13.68 -4.58
N HIS D 56 -3.03 -14.93 -4.35
CA HIS D 56 -2.08 -16.03 -4.35
C HIS D 56 -1.63 -16.35 -5.76
N SER D 57 -2.47 -16.02 -6.74
CA SER D 57 -2.14 -16.34 -8.12
C SER D 57 -2.96 -15.57 -9.15
N GLU D 58 -2.56 -15.70 -10.41
CA GLU D 58 -3.28 -15.06 -11.51
C GLU D 58 -4.69 -15.66 -11.57
N THR D 59 -4.81 -16.95 -11.28
CA THR D 59 -6.10 -17.62 -11.32
C THR D 59 -7.05 -17.03 -10.28
N GLN D 60 -6.56 -16.87 -9.05
CA GLN D 60 -7.39 -16.33 -7.98
C GLN D 60 -7.79 -14.89 -8.28
N ARG D 61 -6.83 -14.09 -8.74
CA ARG D 61 -7.11 -12.70 -9.06
C ARG D 61 -8.09 -12.64 -10.23
N THR D 62 -7.86 -13.48 -11.24
CA THR D 62 -8.73 -13.55 -12.41
C THR D 62 -10.18 -13.87 -12.04
N LYS D 63 -10.37 -14.80 -11.11
CA LYS D 63 -11.71 -15.16 -10.70
C LYS D 63 -12.37 -13.94 -10.07
N PHE D 64 -11.69 -13.38 -9.08
CA PHE D 64 -12.15 -12.18 -8.38
C PHE D 64 -12.70 -11.15 -9.37
N LEU D 65 -11.91 -10.82 -10.39
CA LEU D 65 -12.32 -9.84 -11.38
C LEU D 65 -13.51 -10.28 -12.21
N ASN D 66 -13.77 -11.58 -12.27
CA ASN D 66 -14.90 -12.08 -13.05
C ASN D 66 -16.19 -12.26 -12.25
N THR D 67 -16.07 -12.43 -10.93
CA THR D 67 -17.25 -12.64 -10.09
C THR D 67 -17.51 -11.62 -8.98
N VAL D 68 -16.56 -10.71 -8.75
CA VAL D 68 -16.71 -9.69 -7.71
C VAL D 68 -17.21 -8.33 -8.22
N ALA D 69 -18.34 -7.87 -7.69
CA ALA D 69 -18.91 -6.60 -8.12
C ALA D 69 -18.27 -5.36 -7.49
N ILE D 70 -17.66 -4.53 -8.31
CA ILE D 70 -17.02 -3.31 -7.83
C ILE D 70 -17.89 -2.13 -8.26
N PRO D 71 -18.27 -1.26 -7.31
CA PRO D 71 -19.11 -0.11 -7.66
C PRO D 71 -18.44 0.78 -8.71
N ASP D 72 -19.22 1.33 -9.62
CA ASP D 72 -18.67 2.19 -10.65
C ASP D 72 -17.98 3.41 -10.03
N SER D 73 -18.28 3.66 -8.76
CA SER D 73 -17.68 4.77 -8.02
C SER D 73 -16.22 4.47 -7.68
N VAL D 74 -15.89 3.17 -7.63
CA VAL D 74 -14.53 2.72 -7.32
C VAL D 74 -13.74 2.44 -8.59
N GLN D 75 -12.49 2.90 -8.63
CA GLN D 75 -11.63 2.68 -9.78
C GLN D 75 -10.76 1.46 -9.57
N ILE D 76 -10.59 0.65 -10.61
CA ILE D 76 -9.79 -0.57 -10.52
C ILE D 76 -8.46 -0.46 -11.26
N LEU D 77 -7.37 -0.80 -10.57
CA LEU D 77 -6.04 -0.77 -11.15
C LEU D 77 -5.33 -2.08 -10.88
N VAL D 78 -5.02 -2.81 -11.94
CA VAL D 78 -4.34 -4.09 -11.82
C VAL D 78 -2.82 -3.94 -11.89
N GLY D 79 -2.10 -4.67 -11.03
CA GLY D 79 -0.66 -4.58 -11.04
C GLY D 79 0.01 -5.59 -10.12
N TYR D 80 1.27 -5.31 -9.77
CA TYR D 80 2.03 -6.19 -8.89
C TYR D 80 2.86 -5.40 -7.88
N MET D 81 3.34 -6.10 -6.85
CA MET D 81 4.17 -5.50 -5.82
C MET D 81 5.18 -6.55 -5.36
N THR D 82 6.05 -6.17 -4.45
CA THR D 82 7.06 -7.07 -3.91
C THR D 82 7.28 -6.72 -2.44
#